data_3A9J
#
_entry.id   3A9J
#
_cell.length_a   30.085
_cell.length_b   71.478
_cell.length_c   72.029
_cell.angle_alpha   90.00
_cell.angle_beta   90.00
_cell.angle_gamma   90.00
#
_symmetry.space_group_name_H-M   'P 21 21 21'
#
loop_
_entity.id
_entity.type
_entity.pdbx_description
1 polymer Ubiquitin
2 polymer Ubiquitin
3 polymer 'Mitogen-activated protein kinase kinase kinase 7-interacting protein 2'
4 non-polymer 'ZINC ION'
5 water water
#
loop_
_entity_poly.entity_id
_entity_poly.type
_entity_poly.pdbx_seq_one_letter_code
_entity_poly.pdbx_strand_id
1 'polypeptide(L)' MQIFVKTLTGKTITLEVEPSDTIENVKAKIQDKEGIPPDQQRLIFAGKQLEDGRTLSDYNIQRESTLHLVLRLRGG A
2 'polypeptide(L)' MQIFVKTLTGKTITLEVEPSDTIENVKAKIQDKEGIPPDQQRLIFAGKQLEDGRTLSDYNIQKESTLHLVLRLRGGD B
3 'polypeptide(L)' GPGHMGAQWNCTACTFLNHPALIRCEQCEMPRHF C
#
loop_
_chem_comp.id
_chem_comp.type
_chem_comp.name
_chem_comp.formula
ZN non-polymer 'ZINC ION' 'Zn 2'
#
# COMPACT_ATOMS: atom_id res chain seq x y z
N MET A 1 -9.72 -25.85 -3.73
CA MET A 1 -8.55 -25.66 -4.66
C MET A 1 -7.39 -25.21 -3.80
N GLN A 2 -6.20 -25.32 -4.35
CA GLN A 2 -5.02 -24.85 -3.65
C GLN A 2 -4.57 -23.51 -4.21
N ILE A 3 -4.19 -22.63 -3.27
CA ILE A 3 -3.39 -21.47 -3.61
C ILE A 3 -2.15 -21.49 -2.76
N PHE A 4 -1.21 -20.61 -3.10
CA PHE A 4 0.06 -20.54 -2.45
C PHE A 4 0.25 -19.16 -1.94
N VAL A 5 0.89 -19.05 -0.79
CA VAL A 5 1.21 -17.72 -0.21
C VAL A 5 2.71 -17.70 0.07
N LYS A 6 3.39 -16.72 -0.54
CA LYS A 6 4.82 -16.62 -0.38
C LYS A 6 5.13 -15.49 0.60
N THR A 7 6.00 -15.77 1.57
CA THR A 7 6.34 -14.78 2.56
C THR A 7 7.52 -13.99 2.02
N LEU A 8 7.86 -12.88 2.66
CA LEU A 8 8.99 -12.11 2.12
C LEU A 8 10.31 -12.75 2.40
N THR A 9 10.29 -13.77 3.24
CA THR A 9 11.49 -14.55 3.48
C THR A 9 11.51 -15.79 2.61
N GLY A 10 10.57 -15.89 1.67
CA GLY A 10 10.65 -16.87 0.60
C GLY A 10 10.05 -18.20 0.93
N LYS A 11 9.39 -18.36 2.06
CA LYS A 11 8.65 -19.58 2.33
C LYS A 11 7.37 -19.58 1.53
N THR A 12 6.96 -20.75 1.02
CA THR A 12 5.67 -20.89 0.32
C THR A 12 4.76 -21.73 1.21
N ILE A 13 3.61 -21.14 1.55
CA ILE A 13 2.53 -21.76 2.35
C ILE A 13 1.50 -22.29 1.36
N THR A 14 1.01 -23.51 1.53
CA THR A 14 -0.07 -24.03 0.69
C THR A 14 -1.35 -23.91 1.46
N LEU A 15 -2.39 -23.36 0.86
CA LEU A 15 -3.70 -23.24 1.47
C LEU A 15 -4.76 -23.97 0.67
N GLU A 16 -5.75 -24.47 1.37
CA GLU A 16 -6.93 -25.04 0.72
C GLU A 16 -8.03 -24.00 0.83
N VAL A 17 -8.54 -23.53 -0.30
CA VAL A 17 -9.52 -22.43 -0.31
C VAL A 17 -10.60 -22.70 -1.35
N GLU A 18 -11.62 -21.85 -1.37
CA GLU A 18 -12.66 -21.84 -2.38
C GLU A 18 -12.77 -20.41 -2.94
N PRO A 19 -13.21 -20.29 -4.22
CA PRO A 19 -13.38 -18.90 -4.75
C PRO A 19 -14.27 -17.99 -3.87
N SER A 20 -15.23 -18.54 -3.16
CA SER A 20 -16.10 -17.72 -2.30
C SER A 20 -15.47 -17.34 -0.96
N ASP A 21 -14.29 -17.86 -0.68
CA ASP A 21 -13.62 -17.45 0.55
C ASP A 21 -13.32 -15.98 0.52
N THR A 22 -13.48 -15.33 1.65
CA THR A 22 -13.11 -13.90 1.78
C THR A 22 -11.63 -13.76 2.02
N ILE A 23 -11.10 -12.55 1.78
CA ILE A 23 -9.71 -12.28 2.09
C ILE A 23 -9.45 -12.52 3.58
N GLU A 24 -10.40 -12.15 4.44
CA GLU A 24 -10.28 -12.39 5.91
C GLU A 24 -10.16 -13.90 6.17
N ASN A 25 -10.98 -14.70 5.49
CA ASN A 25 -10.92 -16.17 5.62
C ASN A 25 -9.53 -16.68 5.28
N VAL A 26 -8.95 -16.13 4.21
CA VAL A 26 -7.63 -16.55 3.82
C VAL A 26 -6.61 -16.19 4.91
N LYS A 27 -6.71 -14.98 5.44
CA LYS A 27 -5.81 -14.56 6.52
C LYS A 27 -5.95 -15.49 7.72
N ALA A 28 -7.18 -15.94 8.00
CA ALA A 28 -7.38 -16.83 9.15
C ALA A 28 -6.66 -18.17 8.88
N LYS A 29 -6.70 -18.64 7.63
CA LYS A 29 -6.00 -19.88 7.26
C LYS A 29 -4.48 -19.72 7.36
N ILE A 30 -3.98 -18.52 7.03
CA ILE A 30 -2.57 -18.21 7.24
C ILE A 30 -2.22 -18.20 8.73
N GLN A 31 -3.10 -17.62 9.56
CA GLN A 31 -2.86 -17.66 11.01
C GLN A 31 -2.77 -19.11 11.53
N ASP A 32 -3.60 -20.01 11.01
CA ASP A 32 -3.57 -21.42 11.45
C ASP A 32 -2.22 -22.07 11.19
N LYS A 33 -1.55 -21.68 10.10
CA LYS A 33 -0.28 -22.22 9.71
C LYS A 33 0.89 -21.47 10.33
N GLU A 34 0.77 -20.17 10.45
CA GLU A 34 1.95 -19.30 10.74
C GLU A 34 1.91 -18.57 12.05
N GLY A 35 0.74 -18.56 12.69
CA GLY A 35 0.61 -17.86 13.96
C GLY A 35 0.40 -16.36 13.85
N ILE A 36 0.39 -15.82 12.63
CA ILE A 36 0.34 -14.39 12.43
C ILE A 36 -1.12 -13.94 12.48
N PRO A 37 -1.46 -13.05 13.41
CA PRO A 37 -2.83 -12.58 13.41
C PRO A 37 -3.20 -11.89 12.10
N PRO A 38 -4.44 -12.03 11.66
CA PRO A 38 -4.88 -11.36 10.44
C PRO A 38 -4.59 -9.86 10.41
N ASP A 39 -4.63 -9.18 11.55
CA ASP A 39 -4.43 -7.73 11.58
C ASP A 39 -2.97 -7.34 11.39
N GLN A 40 -2.08 -8.33 11.29
CA GLN A 40 -0.69 -8.09 10.96
C GLN A 40 -0.38 -8.52 9.53
N GLN A 41 -1.41 -8.88 8.73
CA GLN A 41 -1.15 -9.34 7.39
C GLN A 41 -1.65 -8.39 6.33
N ARG A 42 -0.82 -8.23 5.30
CA ARG A 42 -1.26 -7.63 4.05
C ARG A 42 -1.07 -8.71 2.98
N LEU A 43 -2.07 -8.89 2.13
CA LEU A 43 -1.88 -9.83 0.99
C LEU A 43 -1.86 -9.06 -0.29
N ILE A 44 -0.89 -9.39 -1.14
CA ILE A 44 -0.71 -8.70 -2.42
C ILE A 44 -0.88 -9.74 -3.52
N PHE A 45 -1.57 -9.36 -4.58
CA PHE A 45 -1.80 -10.27 -5.74
C PHE A 45 -2.05 -9.44 -6.97
N ALA A 46 -1.33 -9.75 -8.04
CA ALA A 46 -1.51 -9.10 -9.32
C ALA A 46 -1.42 -7.58 -9.13
N GLY A 47 -0.47 -7.12 -8.30
CA GLY A 47 -0.24 -5.68 -8.14
C GLY A 47 -1.10 -4.99 -7.11
N LYS A 48 -2.09 -5.67 -6.52
CA LYS A 48 -3.08 -5.05 -5.66
C LYS A 48 -2.96 -5.55 -4.23
N GLN A 49 -3.17 -4.65 -3.26
CA GLN A 49 -3.36 -5.05 -1.88
C GLN A 49 -4.81 -5.52 -1.70
N LEU A 50 -4.99 -6.75 -1.24
CA LEU A 50 -6.34 -7.32 -1.21
C LEU A 50 -7.13 -6.82 -0.02
N GLU A 51 -8.39 -6.49 -0.27
CA GLU A 51 -9.29 -5.91 0.77
C GLU A 51 -10.10 -6.98 1.46
N ASP A 52 -10.12 -6.89 2.79
CA ASP A 52 -11.05 -7.65 3.56
C ASP A 52 -12.47 -7.21 3.07
N GLY A 53 -13.33 -8.17 3.09
CA GLY A 53 -14.67 -8.08 2.70
C GLY A 53 -14.87 -8.55 1.28
N ARG A 54 -13.80 -8.64 0.47
CA ARG A 54 -13.91 -9.20 -0.87
C ARG A 54 -13.60 -10.69 -0.84
N THR A 55 -13.96 -11.37 -1.92
CA THR A 55 -13.65 -12.78 -2.08
C THR A 55 -12.50 -12.98 -3.05
N LEU A 56 -11.96 -14.20 -3.03
CA LEU A 56 -10.96 -14.58 -4.02
C LEU A 56 -11.53 -14.37 -5.43
N SER A 57 -12.79 -14.75 -5.63
CA SER A 57 -13.40 -14.63 -6.95
C SER A 57 -13.51 -13.16 -7.38
N ASP A 58 -13.74 -12.22 -6.44
CA ASP A 58 -13.82 -10.78 -6.78
C ASP A 58 -12.50 -10.35 -7.43
N TYR A 59 -11.37 -10.96 -7.03
CA TYR A 59 -10.05 -10.63 -7.55
C TYR A 59 -9.62 -11.53 -8.68
N ASN A 60 -10.51 -12.42 -9.11
CA ASN A 60 -10.16 -13.40 -10.12
C ASN A 60 -8.93 -14.24 -9.75
N ILE A 61 -8.93 -14.65 -8.48
CA ILE A 61 -7.87 -15.48 -8.00
C ILE A 61 -8.26 -16.92 -8.25
N GLN A 62 -7.59 -17.56 -9.22
CA GLN A 62 -7.92 -18.91 -9.63
C GLN A 62 -7.06 -19.91 -8.97
N ARG A 63 -7.36 -21.19 -9.24
CA ARG A 63 -6.56 -22.24 -8.69
C ARG A 63 -5.05 -22.05 -8.99
N GLU A 64 -4.22 -22.43 -8.02
CA GLU A 64 -2.77 -22.44 -8.14
C GLU A 64 -2.16 -21.02 -8.12
N SER A 65 -2.97 -19.97 -7.93
CA SER A 65 -2.40 -18.63 -7.78
C SER A 65 -1.45 -18.52 -6.58
N THR A 66 -0.50 -17.58 -6.69
CA THR A 66 0.39 -17.24 -5.59
C THR A 66 0.05 -15.83 -5.10
N LEU A 67 -0.22 -15.72 -3.80
CA LEU A 67 -0.33 -14.43 -3.13
C LEU A 67 0.97 -14.16 -2.40
N HIS A 68 1.20 -12.87 -2.11
CA HIS A 68 2.37 -12.47 -1.35
C HIS A 68 1.97 -11.89 -0.03
N LEU A 69 2.55 -12.41 1.02
CA LEU A 69 2.27 -11.94 2.35
C LEU A 69 3.30 -10.91 2.81
N VAL A 70 2.80 -9.72 3.15
CA VAL A 70 3.66 -8.65 3.64
C VAL A 70 3.16 -8.36 5.05
N LEU A 71 4.05 -8.31 6.04
CA LEU A 71 3.57 -8.08 7.43
C LEU A 71 3.46 -6.61 7.69
N ARG A 72 2.58 -6.28 8.61
CA ARG A 72 2.43 -4.90 9.05
C ARG A 72 2.31 -4.90 10.54
N LEU A 73 2.47 -3.73 11.14
CA LEU A 73 2.08 -3.56 12.54
C LEU A 73 0.56 -3.47 12.60
N ARG A 74 -0.07 -4.03 13.63
CA ARG A 74 -1.53 -3.96 13.78
C ARG A 74 -1.95 -2.49 13.81
N GLY A 75 -2.93 -2.12 13.01
CA GLY A 75 -3.45 -0.76 13.05
C GLY A 75 -4.21 -0.49 14.33
N GLY A 76 -4.04 0.73 14.87
CA GLY A 76 -4.70 1.13 16.09
C GLY A 76 -5.98 1.92 15.90
N MET B 1 -7.91 12.04 13.13
CA MET B 1 -7.31 10.75 12.72
C MET B 1 -5.82 10.95 12.42
N GLN B 2 -4.93 10.04 12.83
CA GLN B 2 -3.53 10.17 12.48
C GLN B 2 -3.26 9.50 11.17
N ILE B 3 -2.46 10.17 10.35
CA ILE B 3 -1.79 9.52 9.19
C ILE B 3 -0.31 9.86 9.24
N PHE B 4 0.50 9.07 8.54
CA PHE B 4 1.91 9.29 8.45
C PHE B 4 2.29 9.80 7.09
N VAL B 5 3.34 10.60 6.99
CA VAL B 5 3.85 11.05 5.71
C VAL B 5 5.36 10.87 5.75
N LYS B 6 5.87 10.07 4.80
CA LYS B 6 7.31 9.93 4.66
C LYS B 6 7.79 11.15 3.88
N THR B 7 8.71 11.89 4.46
CA THR B 7 9.13 13.12 3.88
C THR B 7 10.28 12.95 2.95
N LEU B 8 10.65 14.04 2.31
CA LEU B 8 11.72 13.92 1.37
C LEU B 8 13.06 13.50 1.98
N THR B 9 13.35 13.75 3.24
N THR B 9 13.22 13.81 3.29
CA THR B 9 14.69 13.34 3.67
CA THR B 9 14.43 13.55 4.12
C THR B 9 14.73 11.91 4.27
C THR B 9 14.60 12.08 4.55
N GLY B 10 13.57 11.24 4.33
CA GLY B 10 13.50 9.93 4.97
C GLY B 10 12.89 9.90 6.37
N LYS B 11 12.51 11.04 6.90
CA LYS B 11 11.84 11.04 8.18
C LYS B 11 10.36 10.82 7.93
N THR B 12 9.64 10.52 8.96
CA THR B 12 8.22 10.31 8.90
C THR B 12 7.56 11.31 9.83
N ILE B 13 6.57 12.04 9.35
CA ILE B 13 5.79 12.94 10.19
C ILE B 13 4.39 12.38 10.38
N THR B 14 3.78 12.77 11.50
CA THR B 14 2.42 12.38 11.76
C THR B 14 1.52 13.60 11.63
N LEU B 15 0.41 13.45 10.94
CA LEU B 15 -0.59 14.51 10.80
C LEU B 15 -1.87 14.07 11.52
N GLU B 16 -2.60 15.05 12.05
CA GLU B 16 -3.95 14.81 12.59
C GLU B 16 -4.92 15.42 11.56
N VAL B 17 -5.76 14.58 10.98
CA VAL B 17 -6.62 15.01 9.88
C VAL B 17 -8.03 14.51 10.13
N GLU B 18 -8.98 15.14 9.47
CA GLU B 18 -10.32 14.65 9.53
C GLU B 18 -10.41 13.32 8.77
N PRO B 19 -11.34 12.43 9.15
CA PRO B 19 -11.40 11.15 8.45
C PRO B 19 -11.57 11.25 6.92
N SER B 20 -12.32 12.23 6.42
CA SER B 20 -12.41 12.48 5.00
C SER B 20 -11.87 13.81 4.60
N ASP B 21 -10.74 14.21 5.19
CA ASP B 21 -10.20 15.50 4.94
C ASP B 21 -9.87 15.61 3.46
N THR B 22 -9.92 16.86 2.98
CA THR B 22 -9.54 17.09 1.63
C THR B 22 -8.02 16.96 1.43
N ILE B 23 -7.62 16.62 0.21
CA ILE B 23 -6.19 16.56 -0.12
C ILE B 23 -5.57 17.95 0.05
N GLU B 24 -6.31 19.00 -0.32
CA GLU B 24 -5.81 20.35 -0.11
C GLU B 24 -5.50 20.64 1.37
N ASN B 25 -6.39 20.22 2.27
CA ASN B 25 -6.14 20.41 3.70
C ASN B 25 -4.94 19.62 4.18
N VAL B 26 -4.79 18.39 3.65
CA VAL B 26 -3.62 17.60 4.00
C VAL B 26 -2.32 18.32 3.56
N LYS B 27 -2.31 18.85 2.34
CA LYS B 27 -1.14 19.58 1.88
C LYS B 27 -0.90 20.84 2.71
N ALA B 28 -1.98 21.48 3.17
CA ALA B 28 -1.82 22.68 4.01
C ALA B 28 -1.11 22.32 5.32
N LYS B 29 -1.46 21.15 5.88
CA LYS B 29 -0.84 20.68 7.14
C LYS B 29 0.61 20.33 6.92
N ILE B 30 0.89 19.67 5.77
CA ILE B 30 2.25 19.40 5.46
C ILE B 30 3.07 20.69 5.27
N GLN B 31 2.48 21.69 4.64
CA GLN B 31 3.20 22.94 4.49
C GLN B 31 3.55 23.52 5.87
N ASP B 32 2.60 23.52 6.78
CA ASP B 32 2.86 24.11 8.08
C ASP B 32 3.97 23.35 8.79
N LYS B 33 3.95 22.01 8.68
CA LYS B 33 4.88 21.20 9.43
C LYS B 33 6.29 21.09 8.82
N GLU B 34 6.33 21.00 7.48
CA GLU B 34 7.54 20.74 6.75
C GLU B 34 8.02 21.93 5.91
N GLY B 35 7.11 22.85 5.60
CA GLY B 35 7.49 24.06 4.87
C GLY B 35 7.32 23.97 3.36
N ILE B 36 6.91 22.80 2.82
CA ILE B 36 6.81 22.66 1.36
C ILE B 36 5.55 23.28 0.83
N PRO B 37 5.66 24.23 -0.13
CA PRO B 37 4.42 24.84 -0.69
C PRO B 37 3.54 23.74 -1.28
N PRO B 38 2.22 23.82 -1.09
CA PRO B 38 1.35 22.72 -1.60
C PRO B 38 1.55 22.44 -3.07
N ASP B 39 1.79 23.47 -3.90
CA ASP B 39 2.04 23.24 -5.33
C ASP B 39 3.30 22.41 -5.65
N GLN B 40 4.22 22.31 -4.70
CA GLN B 40 5.41 21.51 -4.87
C GLN B 40 5.29 20.11 -4.27
N GLN B 41 4.20 19.88 -3.55
CA GLN B 41 3.99 18.57 -2.93
C GLN B 41 3.39 17.62 -3.92
N ARG B 42 3.95 16.42 -3.94
CA ARG B 42 3.29 15.32 -4.63
C ARG B 42 3.24 14.16 -3.65
N LEU B 43 2.03 13.68 -3.45
CA LEU B 43 1.79 12.66 -2.43
C LEU B 43 1.40 11.38 -3.12
N ILE B 44 2.02 10.29 -2.74
CA ILE B 44 1.68 8.95 -3.29
C ILE B 44 1.07 8.08 -2.19
N PHE B 45 -0.01 7.37 -2.54
CA PHE B 45 -0.54 6.33 -1.71
C PHE B 45 -1.09 5.24 -2.61
N ALA B 46 -0.74 3.99 -2.26
CA ALA B 46 -1.23 2.83 -3.00
C ALA B 46 -0.92 2.97 -4.48
N GLY B 47 0.28 3.46 -4.78
CA GLY B 47 0.74 3.58 -6.17
C GLY B 47 0.13 4.67 -7.01
N LYS B 48 -0.64 5.56 -6.37
CA LYS B 48 -1.34 6.64 -7.06
C LYS B 48 -0.97 8.00 -6.44
N GLN B 49 -0.89 9.00 -7.32
CA GLN B 49 -0.66 10.38 -6.86
C GLN B 49 -2.00 10.95 -6.37
N LEU B 50 -2.01 11.59 -5.20
CA LEU B 50 -3.27 12.10 -4.67
C LEU B 50 -3.59 13.44 -5.34
N GLU B 51 -4.86 13.65 -5.64
CA GLU B 51 -5.29 14.81 -6.42
C GLU B 51 -6.06 15.83 -5.62
N ASP B 52 -5.87 17.09 -5.95
CA ASP B 52 -6.72 18.13 -5.40
C ASP B 52 -8.18 17.90 -5.77
N GLY B 53 -9.07 18.26 -4.87
CA GLY B 53 -10.51 18.12 -5.10
C GLY B 53 -11.05 16.79 -4.62
N ARG B 54 -10.17 15.88 -4.18
CA ARG B 54 -10.55 14.60 -3.61
C ARG B 54 -10.34 14.63 -2.11
N THR B 55 -10.79 13.58 -1.44
CA THR B 55 -10.60 13.47 -0.02
C THR B 55 -9.81 12.19 0.27
N LEU B 56 -9.40 12.05 1.54
CA LEU B 56 -8.67 10.86 1.89
C LEU B 56 -9.51 9.59 1.61
N SER B 57 -10.82 9.69 1.74
CA SER B 57 -11.69 8.54 1.52
C SER B 57 -11.69 8.07 0.08
N ASP B 58 -11.52 9.00 -0.85
CA ASP B 58 -11.43 8.62 -2.27
C ASP B 58 -10.35 7.59 -2.47
N TYR B 59 -9.35 7.60 -1.59
CA TYR B 59 -8.20 6.74 -1.69
C TYR B 59 -8.17 5.62 -0.65
N ASN B 60 -9.24 5.50 0.15
CA ASN B 60 -9.28 4.52 1.23
CA ASN B 60 -9.22 4.49 1.22
C ASN B 60 -8.12 4.69 2.24
N ILE B 61 -7.76 5.95 2.47
CA ILE B 61 -6.76 6.27 3.47
C ILE B 61 -7.47 6.28 4.80
N GLN B 62 -6.89 5.60 5.76
CA GLN B 62 -7.51 5.37 7.06
CA GLN B 62 -7.52 5.46 7.07
C GLN B 62 -6.49 5.63 8.16
N LYS B 63 -6.91 5.42 9.40
CA LYS B 63 -6.06 5.63 10.54
C LYS B 63 -4.72 4.89 10.30
N GLU B 64 -3.64 5.63 10.51
CA GLU B 64 -2.30 5.10 10.48
C GLU B 64 -1.80 4.64 9.09
N SER B 65 -2.48 5.04 8.00
CA SER B 65 -1.93 4.93 6.67
C SER B 65 -0.68 5.76 6.52
N THR B 66 0.18 5.35 5.60
CA THR B 66 1.39 6.08 5.28
C THR B 66 1.39 6.58 3.84
N LEU B 67 1.51 7.89 3.71
CA LEU B 67 1.68 8.55 2.41
C LEU B 67 3.14 8.85 2.16
N HIS B 68 3.52 8.98 0.90
CA HIS B 68 4.90 9.29 0.54
C HIS B 68 4.99 10.61 -0.21
N LEU B 69 5.82 11.56 0.28
CA LEU B 69 6.10 12.78 -0.43
C LEU B 69 7.20 12.52 -1.44
N VAL B 70 7.01 13.00 -2.65
CA VAL B 70 7.98 12.85 -3.76
C VAL B 70 8.13 14.15 -4.53
N LEU B 71 9.20 14.24 -5.32
CA LEU B 71 9.37 15.34 -6.31
C LEU B 71 8.53 15.13 -7.57
N ARG B 72 8.25 16.22 -8.28
CA ARG B 72 7.65 16.16 -9.61
C ARG B 72 8.60 15.48 -10.61
N LEU B 73 8.08 14.54 -11.38
CA LEU B 73 8.88 13.88 -12.43
C LEU B 73 8.74 14.68 -13.72
N ARG B 74 9.77 14.70 -14.56
CA ARG B 74 9.66 15.28 -15.91
C ARG B 74 8.69 14.43 -16.73
N GLY B 75 7.65 15.06 -17.24
CA GLY B 75 6.58 14.32 -17.92
C GLY B 75 5.42 13.99 -17.00
N GLY B 76 5.55 14.34 -15.72
CA GLY B 76 4.45 14.14 -14.78
C GLY B 76 3.84 15.48 -14.45
N ASP B 77 2.72 15.46 -13.73
CA ASP B 77 2.12 16.73 -13.40
C ASP B 77 2.32 17.03 -11.92
N GLY C 3 13.72 11.33 -11.73
CA GLY C 3 13.99 11.18 -13.21
C GLY C 3 12.84 11.57 -14.12
N HIS C 4 12.58 10.73 -15.11
CA HIS C 4 11.41 10.94 -15.96
C HIS C 4 10.24 10.07 -15.56
N MET C 5 9.05 10.63 -15.75
CA MET C 5 7.81 9.88 -15.69
C MET C 5 7.93 8.68 -16.64
N GLY C 6 7.39 7.55 -16.17
CA GLY C 6 7.40 6.32 -16.93
C GLY C 6 6.30 5.49 -16.31
N ALA C 7 6.30 4.21 -16.64
CA ALA C 7 5.24 3.32 -16.23
C ALA C 7 5.33 2.98 -14.73
N GLN C 8 4.15 2.75 -14.20
CA GLN C 8 4.09 2.05 -12.92
C GLN C 8 4.89 0.74 -13.03
N TRP C 9 5.42 0.26 -11.91
CA TRP C 9 6.29 -0.90 -11.91
C TRP C 9 5.80 -1.90 -10.90
N ASN C 10 5.80 -3.17 -11.25
CA ASN C 10 5.47 -4.25 -10.28
C ASN C 10 6.70 -4.67 -9.53
N CYS C 11 6.63 -4.62 -8.21
CA CYS C 11 7.70 -5.11 -7.36
C CYS C 11 7.94 -6.58 -7.66
N THR C 12 9.20 -6.97 -7.87
CA THR C 12 9.43 -8.44 -8.14
C THR C 12 9.40 -9.28 -6.87
N ALA C 13 9.42 -8.63 -5.72
CA ALA C 13 9.28 -9.40 -4.48
C ALA C 13 7.83 -9.67 -4.15
N CYS C 14 6.96 -8.67 -4.19
CA CYS C 14 5.58 -8.87 -3.71
C CYS C 14 4.53 -8.64 -4.76
N THR C 15 4.94 -8.16 -5.97
CA THR C 15 4.08 -7.80 -7.11
C THR C 15 3.43 -6.43 -7.04
N PHE C 16 3.48 -5.73 -5.91
CA PHE C 16 2.67 -4.51 -5.84
C PHE C 16 2.99 -3.55 -6.98
N LEU C 17 1.94 -2.92 -7.49
CA LEU C 17 2.07 -2.01 -8.64
C LEU C 17 2.37 -0.60 -8.10
N ASN C 18 3.64 -0.20 -8.22
CA ASN C 18 4.12 1.03 -7.62
C ASN C 18 4.16 2.22 -8.60
N HIS C 19 4.06 3.38 -8.01
CA HIS C 19 4.17 4.63 -8.77
C HIS C 19 5.63 4.82 -9.20
N PRO C 20 5.84 5.37 -10.39
CA PRO C 20 7.22 5.51 -10.84
C PRO C 20 8.08 6.52 -10.06
N ALA C 21 7.47 7.39 -9.27
CA ALA C 21 8.27 8.34 -8.48
C ALA C 21 8.88 7.64 -7.26
N LEU C 22 8.44 6.43 -6.91
CA LEU C 22 9.02 5.69 -5.81
C LEU C 22 10.02 4.69 -6.37
N ILE C 23 11.15 4.62 -5.70
CA ILE C 23 12.20 3.72 -6.13
C ILE C 23 12.38 2.49 -5.23
N ARG C 24 11.55 2.44 -4.17
CA ARG C 24 11.41 1.21 -3.36
CA ARG C 24 11.42 1.34 -3.17
C ARG C 24 9.94 0.94 -3.17
N CYS C 25 9.64 -0.35 -3.07
CA CYS C 25 8.24 -0.77 -3.07
C CYS C 25 7.51 -0.19 -1.86
N GLU C 26 6.33 0.36 -2.06
CA GLU C 26 5.50 0.89 -1.02
C GLU C 26 5.09 -0.15 0.02
N GLN C 27 5.00 -1.41 -0.40
CA GLN C 27 4.59 -2.47 0.55
C GLN C 27 5.77 -3.06 1.28
N CYS C 28 6.83 -3.45 0.59
CA CYS C 28 7.90 -4.27 1.17
C CYS C 28 9.28 -3.61 1.13
N GLU C 29 9.36 -2.40 0.57
CA GLU C 29 10.62 -1.63 0.59
C GLU C 29 11.74 -2.16 -0.27
N MET C 30 11.49 -3.21 -1.06
CA MET C 30 12.56 -3.66 -1.91
CA MET C 30 12.52 -3.72 -1.96
C MET C 30 12.78 -2.66 -3.06
N PRO C 31 14.06 -2.39 -3.37
CA PRO C 31 14.34 -1.49 -4.50
C PRO C 31 13.76 -1.96 -5.82
N ARG C 32 13.34 -1.02 -6.65
CA ARG C 32 12.94 -1.33 -8.00
C ARG C 32 14.08 -1.87 -8.83
N HIS C 33 15.25 -1.24 -8.70
CA HIS C 33 16.42 -1.55 -9.53
C HIS C 33 17.38 -2.42 -8.75
N PHE C 34 17.81 -3.53 -9.38
CA PHE C 34 18.80 -4.41 -8.75
C PHE C 34 19.61 -5.12 -9.82
ZN ZN D . 7.11 -5.19 -2.81
#